data_3BJ6
#
_entry.id   3BJ6
#
_cell.length_a   55.701
_cell.length_b   55.778
_cell.length_c   125.765
_cell.angle_alpha   90.00
_cell.angle_beta   90.00
_cell.angle_gamma   90.00
#
_symmetry.space_group_name_H-M   'P 21 21 21'
#
loop_
_entity.id
_entity.type
_entity.pdbx_description
1 polymer 'Transcriptional regulator, MarR family'
2 non-polymer ETHANOL
3 water water
#
_entity_poly.entity_id   1
_entity_poly.type   'polypeptide(L)'
_entity_poly.pdbx_seq_one_letter_code
;SNA(MSE)THETDQLYQAVQATRPLLRNITAAVERGTLREGVTVGQRAILEGLSLTPGATAPQLGAALQ(MSE)KRQYIS
RILQEVQRAGLIERRTNPEHARSHRYWLTPRGEAIITAIRADE(MSE)AKLALFSEGFSSVELTAYHKVQLALTRFFADL
AKEA
;
_entity_poly.pdbx_strand_id   A,B
#
loop_
_chem_comp.id
_chem_comp.type
_chem_comp.name
_chem_comp.formula
EOH non-polymer ETHANOL 'C2 H6 O'
#
# COMPACT_ATOMS: atom_id res chain seq x y z
N SER A 1 -5.81 -8.80 -26.36
CA SER A 1 -7.24 -8.36 -26.23
C SER A 1 -8.26 -9.48 -26.51
N ASN A 2 -8.79 -10.03 -25.43
CA ASN A 2 -9.93 -10.93 -25.44
C ASN A 2 -11.03 -10.17 -24.74
N ALA A 3 -12.17 -10.80 -24.52
CA ALA A 3 -13.34 -10.07 -23.98
C ALA A 3 -13.15 -9.47 -22.57
N MSE A 4 -12.18 -9.99 -21.83
CA MSE A 4 -11.98 -9.55 -20.44
C MSE A 4 -11.01 -8.36 -20.34
O MSE A 4 -10.88 -7.79 -19.28
CB MSE A 4 -11.48 -10.70 -19.58
CG MSE A 4 -12.55 -11.72 -19.32
SE MSE A 4 -14.00 -10.94 -18.27
CE MSE A 4 -13.01 -10.53 -16.61
N THR A 5 -10.41 -7.99 -21.47
CA THR A 5 -9.38 -6.97 -21.45
C THR A 5 -9.82 -5.64 -20.83
N HIS A 6 -10.99 -5.14 -21.20
CA HIS A 6 -11.48 -3.91 -20.60
C HIS A 6 -11.54 -4.06 -19.06
N GLU A 7 -12.12 -5.16 -18.58
CA GLU A 7 -12.30 -5.32 -17.14
C GLU A 7 -10.98 -5.50 -16.43
N THR A 8 -10.03 -6.21 -17.03
CA THR A 8 -8.75 -6.42 -16.33
C THR A 8 -7.86 -5.16 -16.40
N ASP A 9 -7.99 -4.39 -17.48
CA ASP A 9 -7.30 -3.12 -17.59
C ASP A 9 -7.82 -2.20 -16.48
N GLN A 10 -9.14 -2.17 -16.30
CA GLN A 10 -9.71 -1.32 -15.26
C GLN A 10 -9.28 -1.81 -13.84
N LEU A 11 -9.35 -3.12 -13.61
CA LEU A 11 -8.97 -3.67 -12.30
C LEU A 11 -7.48 -3.42 -12.06
N TYR A 12 -6.66 -3.61 -13.09
CA TYR A 12 -5.25 -3.30 -12.96
C TYR A 12 -4.99 -1.84 -12.52
N GLN A 13 -5.71 -0.90 -13.12
CA GLN A 13 -5.58 0.51 -12.72
C GLN A 13 -5.96 0.70 -11.25
N ALA A 14 -7.03 0.04 -10.81
CA ALA A 14 -7.41 0.03 -9.40
C ALA A 14 -6.28 -0.57 -8.53
N VAL A 15 -5.75 -1.71 -8.93
CA VAL A 15 -4.68 -2.35 -8.16
C VAL A 15 -3.46 -1.43 -8.06
N GLN A 16 -3.12 -0.80 -9.18
CA GLN A 16 -1.98 0.13 -9.22
C GLN A 16 -2.16 1.33 -8.27
N ALA A 17 -3.42 1.69 -7.96
CA ALA A 17 -3.69 2.82 -7.06
C ALA A 17 -3.38 2.47 -5.61
N THR A 18 -3.19 1.19 -5.30
CA THR A 18 -2.94 0.75 -3.91
C THR A 18 -1.74 1.48 -3.27
N ARG A 19 -0.63 1.63 -4.00
N ARG A 19 -0.66 1.61 -4.03
CA ARG A 19 0.55 2.29 -3.43
CA ARG A 19 0.58 2.26 -3.58
C ARG A 19 0.33 3.79 -3.13
C ARG A 19 0.35 3.74 -3.19
N PRO A 20 -0.13 4.59 -4.13
CA PRO A 20 -0.45 5.97 -3.76
C PRO A 20 -1.57 6.08 -2.70
N LEU A 21 -2.55 5.17 -2.73
CA LEU A 21 -3.57 5.15 -1.68
C LEU A 21 -2.99 4.99 -0.27
N LEU A 22 -2.10 4.02 -0.09
CA LEU A 22 -1.51 3.81 1.22
C LEU A 22 -0.72 5.05 1.69
N ARG A 23 0.08 5.63 0.79
N ARG A 23 0.05 5.64 0.77
CA ARG A 23 0.78 6.91 1.06
CA ARG A 23 0.78 6.90 1.02
C ARG A 23 -0.22 7.95 1.52
C ARG A 23 -0.15 8.03 1.45
N ASN A 24 -1.30 8.14 0.77
CA ASN A 24 -2.29 9.20 1.06
C ASN A 24 -3.05 8.96 2.39
N ILE A 25 -3.42 7.71 2.64
CA ILE A 25 -4.01 7.32 3.92
C ILE A 25 -3.06 7.77 5.05
N THR A 26 -1.79 7.40 4.97
CA THR A 26 -0.82 7.70 6.01
C THR A 26 -0.68 9.22 6.25
N ALA A 27 -0.53 9.97 5.16
CA ALA A 27 -0.49 11.43 5.21
C ALA A 27 -1.80 12.06 5.76
N ALA A 28 -2.97 11.57 5.35
CA ALA A 28 -4.26 12.05 5.88
C ALA A 28 -4.40 11.73 7.37
N VAL A 29 -4.08 10.49 7.75
CA VAL A 29 -4.15 10.09 9.15
C VAL A 29 -3.27 11.00 10.02
N GLU A 30 -2.05 11.26 9.55
CA GLU A 30 -1.09 12.12 10.29
C GLU A 30 -1.63 13.52 10.58
N ARG A 31 -2.39 14.08 9.65
N ARG A 31 -2.39 14.08 9.65
CA ARG A 31 -3.05 15.36 9.90
CA ARG A 31 -3.04 15.37 9.88
C ARG A 31 -3.95 15.31 11.12
C ARG A 31 -3.95 15.32 11.11
N GLY A 32 -4.71 14.23 11.25
CA GLY A 32 -5.57 14.03 12.41
C GLY A 32 -4.80 13.73 13.69
N THR A 33 -3.77 12.89 13.58
CA THR A 33 -3.04 12.52 14.79
C THR A 33 -2.26 13.70 15.37
N LEU A 34 -1.66 14.55 14.51
CA LEU A 34 -0.85 15.65 15.03
C LEU A 34 -1.73 16.69 15.78
N ARG A 35 -2.99 16.80 15.40
CA ARG A 35 -3.94 17.67 16.15
C ARG A 35 -4.07 17.22 17.60
N GLU A 36 -3.93 15.91 17.86
CA GLU A 36 -3.92 15.39 19.26
C GLU A 36 -2.51 15.17 19.81
N GLY A 37 -1.51 15.71 19.11
CA GLY A 37 -0.14 15.69 19.60
C GLY A 37 0.62 14.40 19.39
N VAL A 38 0.17 13.54 18.49
CA VAL A 38 0.87 12.27 18.28
C VAL A 38 1.11 11.99 16.80
N THR A 39 2.05 11.09 16.51
CA THR A 39 2.40 10.68 15.16
C THR A 39 1.53 9.48 14.72
N VAL A 40 1.64 9.11 13.44
CA VAL A 40 0.91 7.96 12.89
C VAL A 40 1.36 6.66 13.55
N GLY A 41 2.67 6.53 13.74
CA GLY A 41 3.23 5.34 14.40
C GLY A 41 2.71 5.24 15.84
N GLN A 42 2.73 6.36 16.58
CA GLN A 42 2.19 6.38 17.94
C GLN A 42 0.70 6.01 18.00
N ARG A 43 -0.11 6.56 17.09
CA ARG A 43 -1.51 6.19 16.92
C ARG A 43 -1.66 4.66 16.76
N ALA A 44 -0.84 4.03 15.92
CA ALA A 44 -0.95 2.58 15.67
C ALA A 44 -0.79 1.82 17.00
N ILE A 45 0.18 2.22 17.81
CA ILE A 45 0.40 1.57 19.14
C ILE A 45 -0.76 1.85 20.11
N LEU A 46 -1.24 3.10 20.16
CA LEU A 46 -2.40 3.41 21.02
C LEU A 46 -3.61 2.60 20.60
N GLU A 47 -3.82 2.49 19.29
CA GLU A 47 -4.96 1.70 18.80
C GLU A 47 -4.80 0.25 19.18
N GLY A 48 -3.60 -0.31 18.99
CA GLY A 48 -3.33 -1.69 19.42
C GLY A 48 -3.62 -1.94 20.89
N LEU A 49 -3.20 -1.04 21.78
CA LEU A 49 -3.45 -1.20 23.21
C LEU A 49 -4.90 -0.94 23.60
N SER A 50 -5.61 -0.13 22.80
CA SER A 50 -7.05 0.05 22.98
C SER A 50 -7.76 -1.28 22.74
N LEU A 51 -7.30 -1.99 21.70
CA LEU A 51 -7.91 -3.26 21.32
C LEU A 51 -7.52 -4.38 22.27
N THR A 52 -6.26 -4.40 22.69
CA THR A 52 -5.81 -5.46 23.61
C THR A 52 -5.05 -4.84 24.82
N PRO A 53 -5.79 -4.32 25.83
CA PRO A 53 -5.14 -3.77 27.02
C PRO A 53 -4.26 -4.85 27.67
N GLY A 54 -3.09 -4.47 28.14
CA GLY A 54 -2.18 -5.46 28.77
C GLY A 54 -1.30 -6.26 27.82
N ALA A 55 -1.29 -5.93 26.52
CA ALA A 55 -0.46 -6.66 25.56
C ALA A 55 1.03 -6.47 25.87
N THR A 56 1.83 -7.45 25.49
CA THR A 56 3.28 -7.34 25.51
C THR A 56 3.73 -6.68 24.21
N ALA A 57 4.97 -6.21 24.18
CA ALA A 57 5.53 -5.64 22.97
C ALA A 57 5.56 -6.68 21.83
N PRO A 58 6.04 -7.92 22.11
CA PRO A 58 5.94 -8.90 21.02
C PRO A 58 4.53 -9.17 20.52
N GLN A 59 3.53 -9.21 21.41
CA GLN A 59 2.12 -9.33 21.01
C GLN A 59 1.62 -8.19 20.14
N LEU A 60 1.93 -6.94 20.53
CA LEU A 60 1.65 -5.80 19.67
C LEU A 60 2.31 -5.91 18.30
N GLY A 61 3.60 -6.25 18.30
CA GLY A 61 4.32 -6.49 17.04
C GLY A 61 3.61 -7.49 16.14
N ALA A 62 3.22 -8.63 16.70
CA ALA A 62 2.46 -9.63 15.93
C ALA A 62 1.10 -9.08 15.42
N ALA A 63 0.37 -8.37 16.28
CA ALA A 63 -0.99 -7.87 15.95
C ALA A 63 -0.94 -6.80 14.88
N LEU A 64 0.07 -5.92 14.97
CA LEU A 64 0.23 -4.80 14.05
C LEU A 64 1.12 -5.17 12.83
N GLN A 65 1.70 -6.36 12.86
CA GLN A 65 2.65 -6.82 11.83
C GLN A 65 3.78 -5.81 11.63
N MSE A 66 4.41 -5.44 12.74
CA MSE A 66 5.49 -4.48 12.75
C MSE A 66 6.72 -5.12 13.44
O MSE A 66 6.58 -5.99 14.28
CB MSE A 66 5.07 -3.19 13.46
CG MSE A 66 4.21 -2.25 12.61
SE MSE A 66 3.36 -0.75 13.59
CE MSE A 66 4.43 -0.79 15.16
N LYS A 67 7.90 -4.68 13.06
CA LYS A 67 9.15 -5.20 13.57
C LYS A 67 9.36 -4.79 15.04
N ARG A 68 10.08 -5.61 15.78
CA ARG A 68 10.22 -5.35 17.19
C ARG A 68 10.90 -3.98 17.43
N GLN A 69 11.85 -3.62 16.57
N GLN A 69 11.82 -3.61 16.56
CA GLN A 69 12.61 -2.37 16.71
CA GLN A 69 12.62 -2.39 16.73
C GLN A 69 11.66 -1.17 16.63
C GLN A 69 11.74 -1.14 16.56
N TYR A 70 10.73 -1.25 15.70
CA TYR A 70 9.76 -0.19 15.48
C TYR A 70 8.81 -0.07 16.68
N ILE A 71 8.28 -1.21 17.13
CA ILE A 71 7.37 -1.27 18.30
C ILE A 71 8.08 -0.72 19.54
N SER A 72 9.35 -1.10 19.73
N SER A 72 9.33 -1.14 19.76
CA SER A 72 10.14 -0.65 20.88
CA SER A 72 10.11 -0.74 20.94
C SER A 72 10.35 0.86 20.88
C SER A 72 10.23 0.77 20.99
N ARG A 73 10.61 1.42 19.70
N ARG A 73 10.58 1.35 19.85
CA ARG A 73 10.82 2.85 19.57
CA ARG A 73 10.81 2.78 19.77
C ARG A 73 9.54 3.60 19.94
C ARG A 73 9.51 3.53 20.09
N ILE A 74 8.42 3.13 19.43
CA ILE A 74 7.14 3.81 19.60
C ILE A 74 6.66 3.66 21.03
N LEU A 75 6.80 2.46 21.60
CA LEU A 75 6.38 2.29 23.02
C LEU A 75 7.10 3.29 23.92
N GLN A 76 8.37 3.51 23.69
CA GLN A 76 9.12 4.48 24.50
C GLN A 76 8.60 5.91 24.33
N GLU A 77 8.29 6.30 23.10
CA GLU A 77 7.76 7.61 22.82
C GLU A 77 6.43 7.84 23.55
N VAL A 78 5.51 6.88 23.45
CA VAL A 78 4.20 7.08 24.08
C VAL A 78 4.27 6.98 25.61
N GLN A 79 5.21 6.19 26.12
CA GLN A 79 5.35 6.09 27.55
C GLN A 79 5.95 7.36 28.13
N ARG A 80 6.97 7.88 27.48
CA ARG A 80 7.58 9.15 27.82
C ARG A 80 6.54 10.26 27.77
N ALA A 81 5.59 10.18 26.84
CA ALA A 81 4.54 11.22 26.73
C ALA A 81 3.41 11.00 27.74
N GLY A 82 3.51 9.94 28.54
CA GLY A 82 2.51 9.66 29.57
C GLY A 82 1.20 9.08 29.04
N LEU A 83 1.26 8.40 27.90
CA LEU A 83 0.06 7.88 27.23
C LEU A 83 -0.18 6.38 27.44
N ILE A 84 0.87 5.67 27.84
CA ILE A 84 0.74 4.27 28.25
C ILE A 84 1.55 4.11 29.54
N GLU A 85 1.29 3.02 30.25
CA GLU A 85 2.06 2.66 31.43
C GLU A 85 2.36 1.17 31.36
N ARG A 86 3.42 0.76 32.04
CA ARG A 86 3.84 -0.64 32.09
C ARG A 86 3.44 -1.16 33.48
N ARG A 87 2.80 -2.32 33.53
CA ARG A 87 2.53 -2.96 34.81
C ARG A 87 3.36 -4.22 34.97
N THR A 88 3.64 -4.64 36.21
CA THR A 88 4.43 -5.86 36.45
C THR A 88 3.67 -7.09 35.93
N ASN A 89 4.45 -8.09 35.49
CA ASN A 89 3.91 -9.34 35.02
C ASN A 89 4.43 -10.40 36.01
N PRO A 90 3.63 -10.75 37.02
CA PRO A 90 4.18 -11.68 38.01
C PRO A 90 4.28 -13.14 37.50
N GLU A 91 3.70 -13.46 36.36
CA GLU A 91 3.85 -14.80 35.78
C GLU A 91 5.17 -14.96 35.02
N HIS A 92 5.57 -13.93 34.27
CA HIS A 92 6.79 -13.96 33.46
C HIS A 92 7.33 -12.52 33.47
N ALA A 93 8.24 -12.23 34.40
CA ALA A 93 8.62 -10.84 34.70
C ALA A 93 9.12 -10.07 33.49
N ARG A 94 9.85 -10.79 32.63
CA ARG A 94 10.43 -10.34 31.37
C ARG A 94 9.37 -9.86 30.37
N SER A 95 8.15 -10.39 30.49
CA SER A 95 7.05 -10.10 29.54
C SER A 95 6.29 -8.86 29.97
N HIS A 96 6.87 -7.69 29.68
CA HIS A 96 6.29 -6.42 30.15
C HIS A 96 4.95 -6.24 29.48
N ARG A 97 3.96 -5.82 30.27
N ARG A 97 3.95 -5.87 30.28
CA ARG A 97 2.62 -5.63 29.76
CA ARG A 97 2.58 -5.66 29.81
C ARG A 97 2.19 -4.18 29.89
C ARG A 97 2.25 -4.18 29.86
N TYR A 98 1.53 -3.69 28.84
CA TYR A 98 1.23 -2.26 28.72
C TYR A 98 -0.25 -1.94 28.65
N TRP A 99 -0.61 -0.78 29.21
CA TRP A 99 -1.98 -0.28 29.20
C TRP A 99 -2.02 1.18 28.84
N LEU A 100 -3.06 1.60 28.12
CA LEU A 100 -3.29 3.05 27.94
C LEU A 100 -3.48 3.73 29.32
N THR A 101 -2.98 4.95 29.44
CA THR A 101 -3.36 5.81 30.57
C THR A 101 -4.66 6.53 30.19
N PRO A 102 -5.34 7.17 31.17
CA PRO A 102 -6.54 7.96 30.78
C PRO A 102 -6.26 9.00 29.66
N ARG A 103 -5.11 9.66 29.68
CA ARG A 103 -4.72 10.57 28.58
C ARG A 103 -4.57 9.85 27.24
N GLY A 104 -3.86 8.72 27.24
CA GLY A 104 -3.74 7.91 26.01
C GLY A 104 -5.08 7.49 25.49
N GLU A 105 -5.95 7.07 26.42
N GLU A 105 -5.97 7.07 26.39
CA GLU A 105 -7.32 6.71 26.12
CA GLU A 105 -7.32 6.71 26.00
C GLU A 105 -8.13 7.85 25.48
C GLU A 105 -8.05 7.90 25.37
N ALA A 106 -8.00 9.06 26.02
CA ALA A 106 -8.68 10.26 25.48
C ALA A 106 -8.19 10.56 24.05
N ILE A 107 -6.87 10.52 23.86
CA ILE A 107 -6.27 10.80 22.55
C ILE A 107 -6.75 9.80 21.48
N ILE A 108 -6.66 8.50 21.75
CA ILE A 108 -7.03 7.53 20.67
C ILE A 108 -8.54 7.57 20.38
N THR A 109 -9.34 7.83 21.42
CA THR A 109 -10.79 8.00 21.26
C THR A 109 -11.09 9.18 20.33
N ALA A 110 -10.41 10.29 20.58
CA ALA A 110 -10.58 11.51 19.79
C ALA A 110 -10.14 11.28 18.35
N ILE A 111 -8.99 10.65 18.17
CA ILE A 111 -8.50 10.38 16.81
C ILE A 111 -9.52 9.50 16.02
N ARG A 112 -9.98 8.44 16.66
CA ARG A 112 -10.91 7.49 16.03
C ARG A 112 -12.24 8.15 15.68
N ALA A 113 -12.75 9.02 16.56
CA ALA A 113 -14.02 9.72 16.31
C ALA A 113 -13.87 10.60 15.08
N ASP A 114 -12.74 11.30 14.98
CA ASP A 114 -12.48 12.18 13.84
C ASP A 114 -12.35 11.39 12.52
N GLU A 115 -11.59 10.31 12.55
CA GLU A 115 -11.41 9.43 11.37
C GLU A 115 -12.72 8.85 10.88
N MSE A 116 -13.57 8.39 11.79
CA MSE A 116 -14.85 7.81 11.40
C MSE A 116 -15.83 8.85 10.87
O MSE A 116 -16.60 8.56 9.94
CB MSE A 116 -15.44 7.03 12.57
CG MSE A 116 -14.53 5.81 12.97
SE MSE A 116 -14.19 4.43 11.56
CE MSE A 116 -12.63 5.36 10.79
N ALA A 117 -15.78 10.06 11.43
CA ALA A 117 -16.62 11.14 10.91
C ALA A 117 -16.18 11.48 9.49
N LYS A 118 -14.87 11.50 9.24
CA LYS A 118 -14.36 11.72 7.87
C LYS A 118 -14.72 10.54 6.93
N LEU A 119 -14.62 9.31 7.41
CA LEU A 119 -15.10 8.19 6.56
C LEU A 119 -16.59 8.29 6.23
N ALA A 120 -17.42 8.78 7.17
CA ALA A 120 -18.85 8.96 6.91
C ALA A 120 -19.11 10.03 5.87
N LEU A 121 -18.34 11.12 5.92
CA LEU A 121 -18.41 12.15 4.91
C LEU A 121 -18.11 11.59 3.52
N PHE A 122 -17.07 10.79 3.45
CA PHE A 122 -16.72 10.15 2.18
C PHE A 122 -17.87 9.25 1.74
N SER A 123 -18.37 8.43 2.65
CA SER A 123 -19.38 7.40 2.32
C SER A 123 -20.68 7.99 1.78
N GLU A 124 -20.99 9.23 2.18
CA GLU A 124 -22.17 9.97 1.69
C GLU A 124 -22.22 10.12 0.20
N GLY A 125 -21.06 10.02 -0.45
CA GLY A 125 -20.91 10.12 -1.90
C GLY A 125 -21.25 8.85 -2.65
N PHE A 126 -21.54 7.75 -1.94
CA PHE A 126 -21.73 6.43 -2.56
C PHE A 126 -22.92 5.72 -1.94
N SER A 127 -23.51 4.75 -2.66
CA SER A 127 -24.57 3.90 -2.08
C SER A 127 -23.87 2.89 -1.18
N SER A 128 -24.61 2.31 -0.23
CA SER A 128 -24.04 1.29 0.61
C SER A 128 -23.68 0.06 -0.23
N VAL A 129 -24.39 -0.20 -1.33
N VAL A 129 -24.41 -0.17 -1.33
CA VAL A 129 -24.05 -1.35 -2.21
CA VAL A 129 -24.12 -1.28 -2.26
C VAL A 129 -22.68 -1.18 -2.86
C VAL A 129 -22.73 -1.17 -2.88
N GLU A 130 -22.39 0.03 -3.35
CA GLU A 130 -21.05 0.33 -3.86
C GLU A 130 -19.95 0.13 -2.83
N LEU A 131 -20.17 0.63 -1.61
CA LEU A 131 -19.16 0.47 -0.55
C LEU A 131 -18.98 -0.96 -0.11
N THR A 132 -20.09 -1.71 -0.07
CA THR A 132 -19.99 -3.11 0.27
C THR A 132 -19.21 -3.89 -0.80
N ALA A 133 -19.46 -3.58 -2.06
CA ALA A 133 -18.70 -4.16 -3.18
C ALA A 133 -17.23 -3.82 -3.02
N TYR A 134 -16.91 -2.56 -2.71
CA TYR A 134 -15.53 -2.20 -2.47
C TYR A 134 -14.89 -3.08 -1.37
N HIS A 135 -15.56 -3.20 -0.23
CA HIS A 135 -15.04 -4.01 0.87
C HIS A 135 -14.83 -5.48 0.45
N LYS A 136 -15.83 -6.05 -0.20
CA LYS A 136 -15.80 -7.46 -0.62
C LYS A 136 -14.62 -7.71 -1.56
N VAL A 137 -14.49 -6.85 -2.57
CA VAL A 137 -13.41 -7.01 -3.56
C VAL A 137 -12.04 -6.72 -2.93
N GLN A 138 -11.95 -5.67 -2.11
CA GLN A 138 -10.72 -5.39 -1.36
C GLN A 138 -10.22 -6.60 -0.60
N LEU A 139 -11.08 -7.22 0.21
CA LEU A 139 -10.66 -8.36 0.99
C LEU A 139 -10.38 -9.59 0.14
N ALA A 140 -11.19 -9.79 -0.91
CA ALA A 140 -10.97 -10.90 -1.84
C ALA A 140 -9.66 -10.76 -2.59
N LEU A 141 -9.32 -9.55 -3.04
CA LEU A 141 -8.01 -9.31 -3.64
C LEU A 141 -6.86 -9.59 -2.70
N THR A 142 -6.98 -9.14 -1.45
CA THR A 142 -5.92 -9.39 -0.44
C THR A 142 -5.62 -10.89 -0.35
N ARG A 143 -6.67 -11.70 -0.23
CA ARG A 143 -6.62 -13.15 -0.22
C ARG A 143 -6.01 -13.73 -1.51
N PHE A 144 -6.49 -13.23 -2.65
CA PHE A 144 -6.09 -13.70 -3.95
C PHE A 144 -4.56 -13.57 -4.15
N PHE A 145 -4.02 -12.39 -3.82
CA PHE A 145 -2.59 -12.16 -3.98
C PHE A 145 -1.79 -12.93 -2.91
N ALA A 146 -2.33 -13.02 -1.69
CA ALA A 146 -1.70 -13.86 -0.66
C ALA A 146 -1.50 -15.28 -1.17
N ASP A 147 -2.54 -15.84 -1.79
CA ASP A 147 -2.51 -17.19 -2.32
C ASP A 147 -1.51 -17.35 -3.46
N LEU A 148 -1.48 -16.39 -4.37
CA LEU A 148 -0.51 -16.41 -5.48
C LEU A 148 0.88 -16.41 -4.92
N ALA A 149 1.13 -15.57 -3.91
CA ALA A 149 2.45 -15.42 -3.30
C ALA A 149 2.88 -16.72 -2.60
N LYS A 150 1.93 -17.40 -1.95
CA LYS A 150 2.20 -18.68 -1.29
C LYS A 150 2.29 -19.87 -2.26
N GLU A 151 1.55 -19.82 -3.38
CA GLU A 151 1.34 -20.99 -4.27
C GLU A 151 1.84 -20.89 -5.72
N ALA A 152 2.10 -19.68 -6.23
CA ALA A 152 2.44 -19.53 -7.65
C ALA A 152 3.74 -18.77 -7.82
N ASN B 2 -25.14 7.71 14.96
CA ASN B 2 -24.51 6.36 14.92
C ASN B 2 -24.98 5.54 13.73
N ALA B 3 -25.97 6.03 12.99
CA ALA B 3 -26.55 5.25 11.87
C ALA B 3 -25.51 4.81 10.81
N MSE B 4 -24.45 5.60 10.68
CA MSE B 4 -23.37 5.30 9.72
C MSE B 4 -22.31 4.37 10.28
O MSE B 4 -21.44 3.94 9.53
CB MSE B 4 -22.72 6.59 9.23
CG MSE B 4 -23.66 7.40 8.36
SE MSE B 4 -24.01 6.44 6.70
CE MSE B 4 -22.17 6.39 5.99
N THR B 5 -22.39 4.02 11.55
CA THR B 5 -21.33 3.27 12.20
C THR B 5 -21.02 1.92 11.54
N HIS B 6 -22.04 1.12 11.23
CA HIS B 6 -21.82 -0.14 10.53
C HIS B 6 -21.03 0.10 9.23
N GLU B 7 -21.48 1.08 8.44
CA GLU B 7 -20.82 1.33 7.16
C GLU B 7 -19.39 1.84 7.29
N THR B 8 -19.13 2.73 8.25
CA THR B 8 -17.78 3.25 8.42
C THR B 8 -16.85 2.20 9.07
N ASP B 9 -17.41 1.35 9.94
CA ASP B 9 -16.63 0.25 10.53
C ASP B 9 -16.19 -0.69 9.39
N GLN B 10 -17.11 -1.01 8.48
CA GLN B 10 -16.81 -1.85 7.34
C GLN B 10 -15.77 -1.19 6.41
N LEU B 11 -15.98 0.08 6.09
CA LEU B 11 -15.07 0.80 5.20
C LEU B 11 -13.70 0.91 5.86
N TYR B 12 -13.68 1.22 7.16
CA TYR B 12 -12.40 1.23 7.86
C TYR B 12 -11.63 -0.11 7.76
N GLN B 13 -12.35 -1.22 7.90
CA GLN B 13 -11.73 -2.53 7.74
C GLN B 13 -11.12 -2.71 6.34
N ALA B 14 -11.84 -2.27 5.31
CA ALA B 14 -11.30 -2.29 3.93
C ALA B 14 -10.05 -1.41 3.81
N VAL B 15 -10.13 -0.20 4.35
CA VAL B 15 -9.01 0.74 4.30
C VAL B 15 -7.79 0.14 5.00
N GLN B 16 -8.02 -0.51 6.14
CA GLN B 16 -6.94 -1.15 6.90
C GLN B 16 -6.27 -2.29 6.09
N ALA B 17 -7.01 -2.90 5.14
CA ALA B 17 -6.43 -4.01 4.33
C ALA B 17 -5.44 -3.50 3.27
N THR B 18 -5.41 -2.18 3.05
CA THR B 18 -4.53 -1.60 2.02
C THR B 18 -3.06 -1.98 2.24
N ARG B 19 -2.59 -1.88 3.48
CA ARG B 19 -1.20 -2.24 3.78
C ARG B 19 -0.86 -3.73 3.51
N PRO B 20 -1.62 -4.70 4.11
CA PRO B 20 -1.33 -6.09 3.69
C PRO B 20 -1.60 -6.37 2.19
N LEU B 21 -2.61 -5.73 1.59
CA LEU B 21 -2.84 -5.85 0.15
C LEU B 21 -1.59 -5.50 -0.69
N LEU B 22 -0.98 -4.35 -0.37
CA LEU B 22 0.20 -3.90 -1.12
C LEU B 22 1.36 -4.89 -0.98
N ARG B 23 1.63 -5.34 0.25
N ARG B 23 1.63 -5.34 0.25
CA ARG B 23 2.61 -6.42 0.50
CA ARG B 23 2.57 -6.44 0.52
C ARG B 23 2.32 -7.71 -0.30
C ARG B 23 2.31 -7.66 -0.35
N ASN B 24 1.05 -8.11 -0.36
CA ASN B 24 0.64 -9.32 -1.11
C ASN B 24 0.75 -9.15 -2.64
N ILE B 25 0.36 -7.97 -3.13
CA ILE B 25 0.53 -7.66 -4.55
C ILE B 25 2.01 -7.83 -4.90
N THR B 26 2.89 -7.19 -4.13
CA THR B 26 4.31 -7.22 -4.42
C THR B 26 4.87 -8.64 -4.45
N ALA B 27 4.54 -9.41 -3.41
CA ALA B 27 4.96 -10.80 -3.31
C ALA B 27 4.39 -11.67 -4.45
N ALA B 28 3.12 -11.47 -4.80
CA ALA B 28 2.50 -12.22 -5.94
C ALA B 28 3.14 -11.82 -7.27
N VAL B 29 3.30 -10.51 -7.48
CA VAL B 29 3.97 -10.01 -8.69
C VAL B 29 5.38 -10.66 -8.81
N GLU B 30 6.13 -10.66 -7.73
CA GLU B 30 7.51 -11.22 -7.74
C GLU B 30 7.57 -12.68 -8.21
N ARG B 31 6.58 -13.46 -7.81
N ARG B 31 6.56 -13.46 -7.87
CA ARG B 31 6.45 -14.85 -8.28
CA ARG B 31 6.55 -14.86 -8.29
C ARG B 31 6.46 -14.92 -9.81
C ARG B 31 6.36 -15.01 -9.81
N GLY B 32 5.67 -14.04 -10.43
CA GLY B 32 5.61 -14.00 -11.90
C GLY B 32 6.87 -13.41 -12.55
N THR B 33 7.44 -12.37 -11.95
CA THR B 33 8.61 -11.74 -12.56
C THR B 33 9.82 -12.66 -12.49
N LEU B 34 9.99 -13.41 -11.39
CA LEU B 34 11.19 -14.29 -11.27
C LEU B 34 11.16 -15.45 -12.28
N ARG B 35 9.96 -15.90 -12.66
CA ARG B 35 9.83 -16.85 -13.78
C ARG B 35 10.46 -16.33 -15.07
N GLU B 36 10.43 -15.00 -15.27
CA GLU B 36 11.10 -14.38 -16.44
C GLU B 36 12.48 -13.82 -16.11
N GLY B 37 13.01 -14.18 -14.95
CA GLY B 37 14.37 -13.82 -14.55
C GLY B 37 14.57 -12.40 -14.08
N VAL B 38 13.50 -11.73 -13.63
CA VAL B 38 13.64 -10.35 -13.16
C VAL B 38 12.93 -10.14 -11.83
N THR B 39 13.34 -9.08 -11.11
CA THR B 39 12.72 -8.70 -9.86
C THR B 39 11.50 -7.79 -10.07
N VAL B 40 10.77 -7.49 -9.00
CA VAL B 40 9.61 -6.57 -9.04
C VAL B 40 10.03 -5.14 -9.43
N GLY B 41 11.14 -4.69 -8.86
CA GLY B 41 11.69 -3.37 -9.17
C GLY B 41 12.12 -3.28 -10.63
N GLN B 42 12.84 -4.30 -11.13
CA GLN B 42 13.18 -4.36 -12.54
C GLN B 42 11.94 -4.32 -13.44
N ARG B 43 10.92 -5.12 -13.10
CA ARG B 43 9.65 -5.07 -13.82
C ARG B 43 9.09 -3.63 -13.89
N ALA B 44 9.13 -2.90 -12.77
CA ALA B 44 8.57 -1.54 -12.75
C ALA B 44 9.26 -0.68 -13.81
N ILE B 45 10.58 -0.79 -13.91
CA ILE B 45 11.37 0.00 -14.89
C ILE B 45 11.07 -0.45 -16.32
N LEU B 46 10.99 -1.77 -16.56
CA LEU B 46 10.62 -2.26 -17.88
C LEU B 46 9.23 -1.80 -18.28
N GLU B 47 8.28 -1.85 -17.34
CA GLU B 47 6.93 -1.38 -17.65
C GLU B 47 6.96 0.12 -17.98
N GLY B 48 7.68 0.90 -17.18
CA GLY B 48 7.87 2.34 -17.43
C GLY B 48 8.41 2.64 -18.83
N LEU B 49 9.41 1.89 -19.26
CA LEU B 49 10.02 2.11 -20.59
C LEU B 49 9.15 1.56 -21.70
N SER B 50 8.31 0.59 -21.38
CA SER B 50 7.34 0.09 -22.36
C SER B 50 6.33 1.20 -22.63
N LEU B 51 5.94 1.91 -21.58
CA LEU B 51 4.97 3.00 -21.70
C LEU B 51 5.56 4.26 -22.35
N THR B 52 6.81 4.57 -22.02
CA THR B 52 7.44 5.77 -22.56
C THR B 52 8.86 5.43 -23.07
N PRO B 53 8.97 4.82 -24.27
CA PRO B 53 10.28 4.53 -24.84
C PRO B 53 11.10 5.82 -24.93
N GLY B 54 12.38 5.74 -24.60
CA GLY B 54 13.24 6.94 -24.67
C GLY B 54 13.19 7.85 -23.48
N ALA B 55 12.50 7.47 -22.40
CA ALA B 55 12.46 8.31 -21.18
C ALA B 55 13.85 8.46 -20.59
N THR B 56 14.07 9.58 -19.89
CA THR B 56 15.26 9.76 -19.08
C THR B 56 15.05 9.12 -17.71
N ALA B 57 16.12 8.94 -16.95
CA ALA B 57 16.01 8.44 -15.59
C ALA B 57 15.16 9.39 -14.71
N PRO B 58 15.41 10.72 -14.76
CA PRO B 58 14.48 11.59 -14.01
C PRO B 58 13.01 11.47 -14.41
N GLN B 59 12.73 11.38 -15.71
CA GLN B 59 11.35 11.17 -16.17
C GLN B 59 10.73 9.88 -15.64
N LEU B 60 11.47 8.77 -15.71
CA LEU B 60 11.02 7.51 -15.11
C LEU B 60 10.76 7.63 -13.63
N GLY B 61 11.68 8.26 -12.90
CA GLY B 61 11.47 8.55 -11.49
C GLY B 61 10.17 9.31 -11.21
N ALA B 62 9.90 10.39 -11.94
CA ALA B 62 8.64 11.12 -11.81
C ALA B 62 7.43 10.24 -12.15
N ALA B 63 7.49 9.48 -13.24
CA ALA B 63 6.34 8.66 -13.69
C ALA B 63 6.05 7.54 -12.71
N LEU B 64 7.10 6.94 -12.16
CA LEU B 64 6.92 5.80 -11.25
C LEU B 64 6.84 6.25 -9.78
N GLN B 65 7.01 7.54 -9.54
N GLN B 65 7.03 7.53 -9.53
CA GLN B 65 7.09 8.11 -8.18
CA GLN B 65 7.09 8.08 -8.17
C GLN B 65 8.11 7.35 -7.32
C GLN B 65 8.13 7.35 -7.30
N MSE B 66 9.34 7.26 -7.84
CA MSE B 66 10.42 6.56 -7.17
C MSE B 66 11.63 7.51 -7.09
O MSE B 66 11.79 8.37 -7.93
CB MSE B 66 10.80 5.28 -7.92
CG MSE B 66 9.82 4.16 -7.71
SE MSE B 66 10.14 2.59 -8.88
CE MSE B 66 8.68 1.51 -8.20
N LYS B 67 12.45 7.31 -6.08
CA LYS B 67 13.60 8.12 -5.82
C LYS B 67 14.69 7.85 -6.86
N ARG B 68 15.45 8.89 -7.19
CA ARG B 68 16.58 8.82 -8.10
C ARG B 68 17.49 7.62 -7.83
N GLN B 69 17.87 7.42 -6.56
N GLN B 69 17.88 7.42 -6.57
CA GLN B 69 18.79 6.33 -6.15
CA GLN B 69 18.80 6.34 -6.18
C GLN B 69 18.27 4.96 -6.58
C GLN B 69 18.28 4.95 -6.56
N TYR B 70 16.98 4.75 -6.40
CA TYR B 70 16.36 3.48 -6.71
C TYR B 70 16.28 3.27 -8.22
N ILE B 71 15.86 4.31 -8.96
CA ILE B 71 15.78 4.24 -10.41
C ILE B 71 17.18 3.94 -10.98
N SER B 72 18.19 4.62 -10.45
N SER B 72 18.20 4.63 -10.45
CA SER B 72 19.56 4.48 -10.90
CA SER B 72 19.56 4.48 -10.94
C SER B 72 20.07 3.06 -10.75
C SER B 72 20.06 3.04 -10.76
N ARG B 73 19.79 2.46 -9.59
CA ARG B 73 20.24 1.11 -9.29
C ARG B 73 19.56 0.12 -10.24
N ILE B 74 18.24 0.26 -10.38
CA ILE B 74 17.50 -0.66 -11.25
C ILE B 74 17.87 -0.52 -12.72
N LEU B 75 18.04 0.71 -13.20
CA LEU B 75 18.50 0.90 -14.59
C LEU B 75 19.80 0.13 -14.85
N GLN B 76 20.73 0.22 -13.93
CA GLN B 76 22.00 -0.50 -14.07
C GLN B 76 21.79 -2.01 -14.13
N GLU B 77 20.93 -2.54 -13.27
CA GLU B 77 20.67 -3.97 -13.24
C GLU B 77 20.08 -4.43 -14.55
N VAL B 78 19.07 -3.73 -15.08
CA VAL B 78 18.41 -4.18 -16.33
C VAL B 78 19.31 -3.95 -17.57
N GLN B 79 20.14 -2.91 -17.52
CA GLN B 79 21.08 -2.68 -18.60
C GLN B 79 22.17 -3.77 -18.63
N ARG B 80 22.72 -4.10 -17.46
N ARG B 80 22.73 -4.08 -17.46
CA ARG B 80 23.72 -5.19 -17.32
CA ARG B 80 23.70 -5.19 -17.33
C ARG B 80 23.12 -6.51 -17.81
C ARG B 80 23.09 -6.45 -17.92
N ALA B 81 21.82 -6.70 -17.60
CA ALA B 81 21.14 -7.92 -18.05
C ALA B 81 20.76 -7.88 -19.53
N GLY B 82 21.05 -6.78 -20.21
CA GLY B 82 20.78 -6.66 -21.65
C GLY B 82 19.29 -6.44 -21.99
N LEU B 83 18.55 -5.85 -21.06
CA LEU B 83 17.09 -5.65 -21.21
C LEU B 83 16.70 -4.23 -21.64
N ILE B 84 17.61 -3.28 -21.45
CA ILE B 84 17.43 -1.93 -21.93
C ILE B 84 18.75 -1.47 -22.55
N GLU B 85 18.68 -0.41 -23.34
CA GLU B 85 19.88 0.20 -23.88
C GLU B 85 19.77 1.72 -23.76
N ARG B 86 20.91 2.40 -23.75
CA ARG B 86 20.95 3.84 -23.66
C ARG B 86 21.33 4.35 -25.06
N ARG B 87 20.58 5.32 -25.55
CA ARG B 87 20.97 5.98 -26.80
C ARG B 87 21.43 7.40 -26.54
N THR B 88 22.25 7.96 -27.44
CA THR B 88 22.73 9.32 -27.26
C THR B 88 21.58 10.32 -27.39
N ASN B 89 21.69 11.43 -26.65
CA ASN B 89 20.76 12.51 -26.67
C ASN B 89 21.52 13.72 -27.25
N PRO B 90 21.32 14.00 -28.55
CA PRO B 90 22.11 15.08 -29.15
C PRO B 90 21.63 16.47 -28.70
N GLU B 91 20.43 16.58 -28.17
CA GLU B 91 19.93 17.88 -27.68
C GLU B 91 20.53 18.25 -26.33
N HIS B 92 20.61 17.28 -25.42
CA HIS B 92 21.12 17.52 -24.07
C HIS B 92 21.86 16.25 -23.66
N ALA B 93 23.17 16.27 -23.87
CA ALA B 93 23.98 15.06 -23.78
C ALA B 93 23.87 14.29 -22.44
N ARG B 94 23.74 15.03 -21.32
CA ARG B 94 23.65 14.41 -20.01
C ARG B 94 22.28 13.82 -19.71
N SER B 95 21.28 14.12 -20.55
CA SER B 95 19.93 13.57 -20.39
C SER B 95 19.83 12.23 -21.09
N HIS B 96 20.42 11.21 -20.46
CA HIS B 96 20.50 9.86 -21.06
C HIS B 96 19.08 9.35 -21.26
N ARG B 97 18.82 8.81 -22.45
N ARG B 97 18.82 8.83 -22.46
CA ARG B 97 17.51 8.26 -22.79
CA ARG B 97 17.53 8.26 -22.84
C ARG B 97 17.61 6.76 -23.03
C ARG B 97 17.63 6.75 -22.97
N TYR B 98 16.60 6.04 -22.54
CA TYR B 98 16.62 4.58 -22.51
C TYR B 98 15.48 3.94 -23.28
N TRP B 99 15.77 2.78 -23.90
CA TRP B 99 14.78 1.99 -24.63
C TRP B 99 14.89 0.54 -24.22
N LEU B 100 13.76 -0.16 -24.22
CA LEU B 100 13.77 -1.61 -24.08
C LEU B 100 14.55 -2.23 -25.25
N THR B 101 15.28 -3.30 -24.96
CA THR B 101 15.83 -4.13 -26.06
C THR B 101 14.75 -5.16 -26.44
N PRO B 102 14.94 -5.87 -27.58
CA PRO B 102 13.99 -6.92 -27.91
C PRO B 102 13.77 -7.94 -26.77
N ARG B 103 14.83 -8.31 -26.05
N ARG B 103 14.86 -8.28 -26.06
CA ARG B 103 14.66 -9.22 -24.91
CA ARG B 103 14.83 -9.17 -24.88
C ARG B 103 13.83 -8.54 -23.81
C ARG B 103 13.97 -8.58 -23.74
N GLY B 104 14.15 -7.28 -23.47
CA GLY B 104 13.41 -6.59 -22.40
C GLY B 104 11.96 -6.49 -22.74
N GLU B 105 11.68 -6.20 -24.02
N GLU B 105 11.70 -6.23 -24.02
CA GLU B 105 10.32 -6.16 -24.52
CA GLU B 105 10.36 -6.16 -24.58
C GLU B 105 9.61 -7.52 -24.34
C GLU B 105 9.60 -7.50 -24.44
N ALA B 106 10.30 -8.60 -24.71
CA ALA B 106 9.71 -9.95 -24.62
C ALA B 106 9.38 -10.27 -23.16
N ILE B 107 10.30 -9.92 -22.26
CA ILE B 107 10.09 -10.20 -20.84
C ILE B 107 8.87 -9.43 -20.30
N ILE B 108 8.82 -8.12 -20.53
CA ILE B 108 7.70 -7.34 -19.93
C ILE B 108 6.36 -7.74 -20.58
N THR B 109 6.38 -8.07 -21.87
CA THR B 109 5.18 -8.60 -22.54
C THR B 109 4.69 -9.89 -21.87
N ALA B 110 5.60 -10.82 -21.62
CA ALA B 110 5.26 -12.09 -20.96
C ALA B 110 4.72 -11.87 -19.56
N ILE B 111 5.39 -11.00 -18.80
CA ILE B 111 4.95 -10.71 -17.45
C ILE B 111 3.50 -10.16 -17.43
N ARG B 112 3.27 -9.15 -18.26
CA ARG B 112 1.95 -8.50 -18.35
C ARG B 112 0.85 -9.45 -18.79
N ALA B 113 1.16 -10.34 -19.73
CA ALA B 113 0.15 -11.30 -20.16
C ALA B 113 -0.19 -12.26 -19.03
N ASP B 114 0.81 -12.66 -18.25
CA ASP B 114 0.57 -13.57 -17.12
C ASP B 114 -0.28 -12.87 -16.04
N GLU B 115 0.09 -11.63 -15.72
CA GLU B 115 -0.64 -10.84 -14.72
C GLU B 115 -2.10 -10.60 -15.11
N MSE B 116 -2.36 -10.27 -16.37
CA MSE B 116 -3.73 -10.01 -16.79
C MSE B 116 -4.55 -11.28 -16.82
O MSE B 116 -5.76 -11.27 -16.50
CB MSE B 116 -3.75 -9.29 -18.15
CG MSE B 116 -3.11 -7.87 -18.08
SE MSE B 116 -3.83 -6.55 -16.74
CE MSE B 116 -2.86 -7.20 -15.14
N ALA B 117 -3.92 -12.39 -17.20
CA ALA B 117 -4.60 -13.68 -17.15
C ALA B 117 -5.02 -13.99 -15.72
N LYS B 118 -4.14 -13.75 -14.75
CA LYS B 118 -4.50 -13.96 -13.34
C LYS B 118 -5.59 -12.98 -12.85
N LEU B 119 -5.53 -11.72 -13.27
CA LEU B 119 -6.62 -10.77 -12.92
C LEU B 119 -7.95 -11.21 -13.53
N ALA B 120 -7.91 -11.78 -14.74
CA ALA B 120 -9.12 -12.35 -15.36
C ALA B 120 -9.71 -13.49 -14.55
N LEU B 121 -8.84 -14.38 -14.05
N LEU B 121 -8.85 -14.38 -14.04
CA LEU B 121 -9.25 -15.46 -13.15
CA LEU B 121 -9.28 -15.47 -13.16
C LEU B 121 -9.95 -14.92 -11.92
C LEU B 121 -9.92 -14.96 -11.89
N PHE B 122 -9.32 -13.94 -11.29
CA PHE B 122 -9.90 -13.34 -10.10
C PHE B 122 -11.26 -12.74 -10.46
N SER B 123 -11.33 -12.00 -11.56
CA SER B 123 -12.55 -11.26 -11.94
C SER B 123 -13.76 -12.15 -12.21
N GLU B 124 -13.51 -13.41 -12.62
CA GLU B 124 -14.56 -14.38 -12.89
C GLU B 124 -15.44 -14.67 -11.70
N GLY B 125 -14.93 -14.37 -10.50
CA GLY B 125 -15.66 -14.55 -9.24
C GLY B 125 -16.59 -13.41 -8.86
N PHE B 126 -16.67 -12.34 -9.67
CA PHE B 126 -17.43 -11.13 -9.33
C PHE B 126 -18.19 -10.65 -10.57
N SER B 127 -19.28 -9.90 -10.36
CA SER B 127 -19.97 -9.26 -11.50
C SER B 127 -19.11 -8.07 -11.95
N SER B 128 -19.29 -7.62 -13.19
CA SER B 128 -18.58 -6.44 -13.64
C SER B 128 -19.05 -5.23 -12.81
N VAL B 129 -20.31 -5.23 -12.35
CA VAL B 129 -20.82 -4.14 -11.50
C VAL B 129 -20.02 -4.01 -10.18
N GLU B 130 -19.80 -5.13 -9.51
CA GLU B 130 -18.96 -5.15 -8.31
C GLU B 130 -17.54 -4.66 -8.59
N LEU B 131 -16.92 -5.16 -9.67
CA LEU B 131 -15.57 -4.69 -9.97
C LEU B 131 -15.51 -3.21 -10.32
N THR B 132 -16.53 -2.73 -11.02
CA THR B 132 -16.57 -1.33 -11.37
C THR B 132 -16.71 -0.47 -10.10
N ALA B 133 -17.55 -0.92 -9.16
CA ALA B 133 -17.69 -0.25 -7.86
C ALA B 133 -16.36 -0.24 -7.11
N TYR B 134 -15.65 -1.38 -7.11
CA TYR B 134 -14.32 -1.40 -6.52
C TYR B 134 -13.40 -0.32 -7.14
N HIS B 135 -13.33 -0.26 -8.46
CA HIS B 135 -12.47 0.73 -9.11
C HIS B 135 -12.87 2.17 -8.72
N LYS B 136 -14.17 2.46 -8.79
CA LYS B 136 -14.68 3.80 -8.54
C LYS B 136 -14.33 4.23 -7.11
N VAL B 137 -14.62 3.36 -6.15
CA VAL B 137 -14.35 3.66 -4.75
C VAL B 137 -12.83 3.75 -4.47
N GLN B 138 -12.04 2.80 -5.00
CA GLN B 138 -10.60 2.84 -4.87
C GLN B 138 -10.00 4.18 -5.29
N LEU B 139 -10.35 4.63 -6.50
CA LEU B 139 -9.88 5.93 -7.00
C LEU B 139 -10.39 7.13 -6.21
N ALA B 140 -11.67 7.06 -5.84
CA ALA B 140 -12.29 8.14 -5.03
C ALA B 140 -11.64 8.26 -3.65
N LEU B 141 -11.36 7.13 -3.01
CA LEU B 141 -10.61 7.13 -1.74
C LEU B 141 -9.21 7.71 -1.90
N THR B 142 -8.51 7.33 -2.96
CA THR B 142 -7.15 7.86 -3.20
C THR B 142 -7.21 9.39 -3.21
N ARG B 143 -8.14 9.92 -3.99
N ARG B 143 -8.15 9.94 -3.97
CA ARG B 143 -8.45 11.34 -4.10
CA ARG B 143 -8.35 11.39 -4.06
C ARG B 143 -8.79 11.94 -2.73
C ARG B 143 -8.82 12.00 -2.72
N PHE B 144 -9.73 11.30 -2.03
CA PHE B 144 -10.24 11.78 -0.77
C PHE B 144 -9.12 11.96 0.28
N PHE B 145 -8.28 10.92 0.45
CA PHE B 145 -7.17 11.02 1.39
C PHE B 145 -6.09 12.04 0.94
N ALA B 146 -5.84 12.12 -0.36
CA ALA B 146 -4.93 13.13 -0.87
C ALA B 146 -5.40 14.51 -0.48
N ASP B 147 -6.70 14.76 -0.65
CA ASP B 147 -7.26 16.06 -0.32
C ASP B 147 -7.17 16.36 1.19
N LEU B 148 -7.46 15.36 2.01
CA LEU B 148 -7.31 15.52 3.47
C LEU B 148 -5.89 15.86 3.84
N ALA B 149 -4.93 15.19 3.19
CA ALA B 149 -3.51 15.39 3.49
C ALA B 149 -3.03 16.80 3.07
N LYS B 150 -3.56 17.31 1.96
CA LYS B 150 -3.27 18.68 1.50
C LYS B 150 -3.99 19.77 2.29
N GLU B 151 -5.12 19.45 2.93
CA GLU B 151 -6.11 20.44 3.45
C GLU B 151 -6.53 20.36 4.93
N ALA B 152 -6.37 19.20 5.59
CA ALA B 152 -7.03 18.99 6.90
C ALA B 152 -6.10 18.93 8.10
C1 EOH C . -8.31 5.70 7.98
C2 EOH C . -7.81 5.79 9.41
O EOH C . -9.66 6.14 7.93
C1 EOH D . 4.56 14.72 17.32
C2 EOH D . 4.51 13.98 18.65
O EOH D . 4.92 16.09 17.42
C1 EOH E . 2.03 -3.77 -9.95
C2 EOH E . 1.87 -2.27 -10.00
O EOH E . 0.71 -4.35 -9.93
C1 EOH F . -3.35 1.20 6.67
C2 EOH F . -2.28 0.75 7.67
O EOH F . -3.60 0.23 5.64
C1 EOH G . 19.61 -8.39 -8.84
C2 EOH G . 18.51 -8.17 -7.83
O EOH G . 19.04 -9.18 -9.89
C1 EOH H . -0.96 -11.30 -10.86
C2 EOH H . -0.09 -10.78 -9.71
O EOH H . -1.91 -10.33 -11.39
C1 EOH I . -1.25 -6.85 -10.51
C2 EOH I . -2.13 -7.75 -11.35
O EOH I . -0.02 -6.77 -11.21
#